data_4B0A
#
_entry.id   4B0A
#
_cell.length_a   32.894
_cell.length_b   74.253
_cell.length_c   99.667
_cell.angle_alpha   90.00
_cell.angle_beta   90.00
_cell.angle_gamma   90.00
#
_symmetry.space_group_name_H-M   'P 21 21 21'
#
loop_
_entity.id
_entity.type
_entity.pdbx_description
1 polymer 'TRANSCRIPTION INITIATION FACTOR TFIID SUBUNIT 1, LINKER, TATA-BOX-BINDING PROTEIN'
2 non-polymer 'CALCIUM ION'
3 non-polymer GLYCEROL
4 non-polymer 'CHLORIDE ION'
5 water water
#
_entity_poly.entity_id   1
_entity_poly.type   'polypeptide(L)'
_entity_poly.pdbx_seq_one_letter_code
;MGSSHHHHHHSSGLVPRGSHMGKTNLANEDEAYEAIFGGEFGSLEIGSYIGGDEARNSKDYTEHLPDAVDFEDEDELADD
DDDLPGGGSGGGSGGGSMSGIVPTLQNIVATVTLGCRLDLKTVALHARNAEYNPKRFAAVIMRIREPKTTALIFASGKMV
VTGAKSEDDSKLASRKYARIIQKIGFAAKFTDFKIQNIVGSCDVKFPIRLEGLAFSHGTFSSYEPELFPGLIYRMVKPKI
VLLIFVSGKIVLTGAKQREEIYQAFEAIYPVLSEFRKM
;
_entity_poly.pdbx_strand_id   A
#
# COMPACT_ATOMS: atom_id res chain seq x y z
N LYS A 23 16.71 -16.92 -4.40
CA LYS A 23 16.83 -16.91 -2.94
C LYS A 23 16.27 -15.59 -2.35
N THR A 24 15.27 -15.74 -1.45
CA THR A 24 14.58 -14.62 -0.82
C THR A 24 15.07 -14.39 0.59
N ASN A 25 15.47 -13.14 0.88
CA ASN A 25 15.84 -12.72 2.22
C ASN A 25 15.33 -11.28 2.48
N LEU A 26 14.11 -11.16 3.00
CA LEU A 26 13.52 -9.86 3.30
C LEU A 26 14.13 -9.23 4.58
N ALA A 27 15.12 -9.88 5.23
CA ALA A 27 15.91 -9.30 6.34
C ALA A 27 16.92 -8.31 5.74
N ASN A 28 17.15 -8.38 4.39
CA ASN A 28 18.01 -7.44 3.66
C ASN A 28 17.17 -6.25 3.24
N GLU A 29 17.64 -5.04 3.58
CA GLU A 29 16.93 -3.79 3.33
C GLU A 29 16.43 -3.63 1.91
N ASP A 30 17.30 -3.86 0.91
CA ASP A 30 16.96 -3.68 -0.51
C ASP A 30 15.92 -4.65 -0.96
N GLU A 31 16.00 -5.92 -0.53
CA GLU A 31 15.02 -6.92 -0.92
C GLU A 31 13.66 -6.61 -0.31
N ALA A 32 13.64 -6.19 0.96
CA ALA A 32 12.43 -5.81 1.70
C ALA A 32 11.73 -4.63 1.01
N TYR A 33 12.50 -3.58 0.63
CA TYR A 33 11.98 -2.40 -0.09
C TYR A 33 11.37 -2.79 -1.45
N GLU A 34 12.13 -3.57 -2.23
CA GLU A 34 11.69 -4.00 -3.55
C GLU A 34 10.49 -4.94 -3.50
N ALA A 35 10.40 -5.79 -2.45
CA ALA A 35 9.27 -6.73 -2.31
C ALA A 35 7.92 -5.98 -2.24
N ILE A 36 7.92 -4.79 -1.63
CA ILE A 36 6.72 -3.94 -1.51
C ILE A 36 6.20 -3.58 -2.91
N PHE A 37 7.08 -3.19 -3.81
CA PHE A 37 6.64 -2.72 -5.12
C PHE A 37 6.82 -3.77 -6.22
N GLY A 38 7.36 -4.93 -5.86
CA GLY A 38 7.71 -5.96 -6.83
C GLY A 38 6.86 -7.19 -7.03
N GLY A 39 5.65 -7.21 -6.51
CA GLY A 39 4.82 -8.39 -6.76
C GLY A 39 4.21 -8.37 -8.15
N GLU A 40 3.25 -9.26 -8.40
CA GLU A 40 2.54 -9.28 -9.70
C GLU A 40 1.67 -8.03 -9.83
N PHE A 41 1.19 -7.50 -8.67
CA PHE A 41 0.33 -6.31 -8.60
C PHE A 41 1.00 -5.17 -7.82
N GLY A 42 2.29 -5.32 -7.55
CA GLY A 42 3.10 -4.33 -6.85
C GLY A 42 2.60 -4.05 -5.45
N SER A 43 2.46 -2.74 -5.10
CA SER A 43 2.09 -2.34 -3.74
C SER A 43 0.60 -2.56 -3.43
N LEU A 44 -0.18 -3.19 -4.36
CA LEU A 44 -1.54 -3.57 -4.05
C LEU A 44 -1.51 -4.55 -2.88
N GLU A 45 -0.43 -5.33 -2.82
CA GLU A 45 -0.27 -6.38 -1.81
C GLU A 45 0.66 -5.97 -0.66
N ILE A 46 0.73 -4.67 -0.37
CA ILE A 46 1.56 -4.13 0.74
C ILE A 46 1.07 -4.64 2.11
N GLY A 47 -0.20 -5.04 2.20
CA GLY A 47 -0.81 -5.58 3.41
C GLY A 47 -0.10 -6.81 3.94
N SER A 48 0.63 -7.51 3.06
CA SER A 48 1.43 -8.70 3.40
C SER A 48 2.66 -8.37 4.24
N TYR A 49 3.11 -7.09 4.23
CA TYR A 49 4.37 -6.72 4.89
C TYR A 49 4.19 -5.82 6.10
N ILE A 50 2.95 -5.48 6.46
CA ILE A 50 2.71 -4.52 7.56
C ILE A 50 2.10 -5.20 8.79
N GLY A 51 2.25 -6.52 8.86
CA GLY A 51 1.74 -7.30 9.97
C GLY A 51 2.43 -6.92 11.27
N GLY A 52 3.72 -6.58 11.22
CA GLY A 52 4.48 -6.24 12.41
C GLY A 52 4.52 -7.48 13.29
N ASP A 53 4.17 -7.31 14.57
N ASP A 53 4.14 -7.34 14.57
CA ASP A 53 4.10 -8.41 15.53
CA ASP A 53 4.11 -8.50 15.46
C ASP A 53 2.70 -8.98 15.60
C ASP A 53 2.67 -8.95 15.71
N GLU A 54 2.59 -10.27 15.96
N GLU A 54 2.44 -10.28 15.70
CA GLU A 54 1.32 -10.96 16.11
CA GLU A 54 1.10 -10.82 15.93
C GLU A 54 0.86 -10.83 17.56
C GLU A 54 0.79 -10.83 17.44
N ALA A 55 -0.22 -10.04 17.79
CA ALA A 55 -0.76 -9.79 19.15
C ALA A 55 -1.16 -11.07 19.89
N ARG A 56 -1.68 -12.09 19.16
CA ARG A 56 -2.09 -13.38 19.70
C ARG A 56 -0.87 -14.21 20.14
N ASN A 57 0.30 -14.01 19.49
CA ASN A 57 1.54 -14.69 19.86
C ASN A 57 2.13 -13.93 21.05
N SER A 58 2.21 -14.60 22.21
CA SER A 58 2.68 -14.02 23.46
C SER A 58 4.15 -13.59 23.41
N LYS A 59 5.04 -14.46 22.89
CA LYS A 59 6.48 -14.19 22.79
C LYS A 59 6.76 -13.14 21.68
N ASP A 60 5.77 -12.87 20.83
CA ASP A 60 5.98 -11.87 19.80
C ASP A 60 5.36 -10.54 20.21
N TYR A 61 6.22 -9.68 20.75
CA TYR A 61 6.00 -8.28 21.08
C TYR A 61 7.34 -7.59 20.90
N THR A 62 7.32 -6.37 20.37
CA THR A 62 8.51 -5.58 20.17
C THR A 62 8.89 -4.99 21.50
N GLU A 63 10.14 -5.18 21.91
CA GLU A 63 10.63 -4.63 23.15
C GLU A 63 10.79 -3.13 23.04
N HIS A 64 10.51 -2.42 24.13
CA HIS A 64 10.62 -0.96 24.24
C HIS A 64 11.29 -0.60 25.55
N LEU A 65 11.97 0.55 25.59
CA LEU A 65 12.58 1.05 26.82
C LEU A 65 11.44 1.38 27.83
N PRO A 66 11.68 1.28 29.17
CA PRO A 66 10.60 1.53 30.14
C PRO A 66 9.87 2.85 29.95
N ASP A 67 10.58 3.94 29.65
CA ASP A 67 9.90 5.22 29.47
C ASP A 67 9.76 5.61 27.98
N ALA A 68 9.59 4.60 27.10
CA ALA A 68 9.37 4.86 25.67
C ALA A 68 8.00 5.51 25.50
N VAL A 69 7.95 6.51 24.64
CA VAL A 69 6.76 7.28 24.32
C VAL A 69 5.95 6.57 23.22
N ASP A 70 4.59 6.62 23.32
CA ASP A 70 3.66 6.16 22.30
C ASP A 70 3.35 7.36 21.42
N PHE A 71 3.88 7.37 20.19
CA PHE A 71 3.69 8.51 19.30
C PHE A 71 2.46 8.36 18.36
N GLU A 72 1.56 7.38 18.60
CA GLU A 72 0.43 7.15 17.68
C GLU A 72 -0.54 8.35 17.61
N ASP A 73 -0.53 9.27 18.64
CA ASP A 73 -1.38 10.46 18.68
C ASP A 73 -0.62 11.71 18.25
N GLU A 74 0.55 11.54 17.60
CA GLU A 74 1.37 12.66 17.12
C GLU A 74 0.49 13.68 16.39
N ASP A 75 0.64 14.97 16.76
N ASP A 75 0.65 14.97 16.74
CA ASP A 75 -0.13 16.06 16.15
CA ASP A 75 -0.13 16.03 16.08
C ASP A 75 0.77 17.06 15.42
C ASP A 75 0.78 17.00 15.35
N GLU A 76 2.10 16.97 15.64
CA GLU A 76 3.07 17.86 15.01
C GLU A 76 3.51 17.32 13.66
N LEU A 77 3.83 18.24 12.77
CA LEU A 77 4.22 17.98 11.41
C LEU A 77 5.64 18.42 11.14
N ALA A 78 6.39 17.58 10.44
CA ALA A 78 7.74 17.98 10.02
C ALA A 78 7.57 19.08 8.96
N ASP A 79 8.53 20.01 8.87
CA ASP A 79 8.44 21.08 7.87
C ASP A 79 8.47 20.48 6.48
N ASP A 80 7.69 21.05 5.58
CA ASP A 80 7.53 20.61 4.21
C ASP A 80 8.76 20.93 3.36
N GLY A 100 -25.49 7.03 -11.13
CA GLY A 100 -24.18 6.93 -11.76
C GLY A 100 -23.26 5.99 -11.01
N ILE A 101 -22.11 5.67 -11.61
CA ILE A 101 -21.13 4.77 -11.00
C ILE A 101 -19.79 5.52 -10.99
N VAL A 102 -19.09 5.57 -9.84
CA VAL A 102 -17.80 6.23 -9.76
C VAL A 102 -16.82 5.43 -8.86
N PRO A 103 -15.56 5.19 -9.27
CA PRO A 103 -14.62 4.50 -8.37
C PRO A 103 -14.35 5.30 -7.08
N THR A 104 -14.08 4.59 -6.00
CA THR A 104 -13.71 5.14 -4.70
C THR A 104 -12.26 4.79 -4.44
N LEU A 105 -11.52 5.67 -3.74
CA LEU A 105 -10.11 5.42 -3.43
C LEU A 105 -10.04 4.52 -2.19
N GLN A 106 -9.45 3.34 -2.37
CA GLN A 106 -9.34 2.38 -1.26
C GLN A 106 -8.04 2.49 -0.51
N ASN A 107 -6.96 2.84 -1.20
CA ASN A 107 -5.65 2.94 -0.57
C ASN A 107 -4.70 3.81 -1.37
N ILE A 108 -3.78 4.47 -0.66
CA ILE A 108 -2.73 5.25 -1.27
C ILE A 108 -1.42 4.83 -0.62
N VAL A 109 -0.43 4.50 -1.47
CA VAL A 109 0.93 4.16 -1.08
C VAL A 109 1.81 5.32 -1.48
N ALA A 110 2.57 5.84 -0.53
CA ALA A 110 3.48 6.96 -0.82
C ALA A 110 4.90 6.69 -0.32
N THR A 111 5.89 7.37 -0.91
CA THR A 111 7.28 7.26 -0.45
C THR A 111 7.77 8.63 -0.01
N VAL A 112 8.69 8.63 0.97
CA VAL A 112 9.32 9.80 1.58
C VAL A 112 10.79 9.46 1.84
N THR A 113 11.68 10.43 1.63
CA THR A 113 13.12 10.34 1.92
C THR A 113 13.33 11.17 3.20
N LEU A 114 13.76 10.54 4.29
CA LEU A 114 13.98 11.25 5.55
C LEU A 114 15.37 11.94 5.56
N GLY A 115 16.23 11.56 4.63
CA GLY A 115 17.55 12.17 4.42
C GLY A 115 18.66 11.83 5.40
N CYS A 116 18.42 10.89 6.32
CA CYS A 116 19.45 10.48 7.27
C CYS A 116 19.33 9.00 7.54
N ARG A 117 20.46 8.35 7.88
N ARG A 117 20.44 8.35 7.90
CA ARG A 117 20.49 6.93 8.26
CA ARG A 117 20.47 6.93 8.25
C ARG A 117 19.77 6.76 9.60
C ARG A 117 19.81 6.74 9.61
N LEU A 118 19.13 5.60 9.80
CA LEU A 118 18.41 5.32 11.04
C LEU A 118 18.84 4.05 11.68
N ASP A 119 18.94 4.05 13.02
CA ASP A 119 19.22 2.82 13.73
C ASP A 119 17.83 2.27 14.01
N LEU A 120 17.37 1.25 13.24
CA LEU A 120 15.99 0.74 13.42
C LEU A 120 15.72 0.20 14.83
N LYS A 121 16.71 -0.47 15.43
CA LYS A 121 16.55 -0.99 16.79
C LYS A 121 16.33 0.19 17.79
N THR A 122 17.07 1.31 17.61
CA THR A 122 16.90 2.51 18.45
C THR A 122 15.46 3.05 18.28
N VAL A 123 14.97 3.16 17.02
CA VAL A 123 13.61 3.67 16.71
C VAL A 123 12.59 2.75 17.42
N ALA A 124 12.71 1.42 17.24
CA ALA A 124 11.79 0.46 17.83
C ALA A 124 11.75 0.55 19.38
N LEU A 125 12.91 0.66 20.02
CA LEU A 125 12.98 0.75 21.49
C LEU A 125 12.42 2.06 22.03
N HIS A 126 12.50 3.15 21.26
CA HIS A 126 12.07 4.48 21.69
C HIS A 126 10.62 4.84 21.33
N ALA A 127 9.88 3.93 20.63
CA ALA A 127 8.51 4.24 20.22
C ALA A 127 7.60 3.03 20.43
N ARG A 128 6.65 3.17 21.36
CA ARG A 128 5.69 2.08 21.64
C ARG A 128 4.77 1.81 20.45
N ASN A 129 4.60 2.77 19.51
CA ASN A 129 3.75 2.51 18.33
C ASN A 129 4.58 1.91 17.14
N ALA A 130 5.80 1.45 17.45
CA ALA A 130 6.73 0.82 16.50
C ALA A 130 6.84 -0.68 16.77
N GLU A 131 6.81 -1.47 15.68
CA GLU A 131 6.99 -2.92 15.69
C GLU A 131 8.14 -3.26 14.76
N TYR A 132 9.04 -4.15 15.20
CA TYR A 132 10.27 -4.42 14.44
C TYR A 132 10.67 -5.86 14.62
N ASN A 133 10.67 -6.59 13.47
CA ASN A 133 11.02 -8.01 13.36
C ASN A 133 12.09 -8.18 12.31
N PRO A 134 13.35 -7.79 12.62
CA PRO A 134 14.42 -7.77 11.59
C PRO A 134 14.64 -9.07 10.81
N LYS A 135 14.40 -10.24 11.42
CA LYS A 135 14.56 -11.54 10.75
C LYS A 135 13.45 -11.79 9.68
N ARG A 136 12.29 -11.12 9.80
N ARG A 136 12.29 -11.13 9.80
CA ARG A 136 11.17 -11.29 8.87
CA ARG A 136 11.18 -11.30 8.86
C ARG A 136 11.08 -10.17 7.82
C ARG A 136 11.08 -10.17 7.82
N PHE A 137 11.37 -8.91 8.22
CA PHE A 137 11.26 -7.77 7.28
C PHE A 137 12.13 -6.62 7.76
N ALA A 138 13.00 -6.12 6.88
CA ALA A 138 14.00 -5.10 7.24
C ALA A 138 13.46 -3.69 7.28
N ALA A 139 12.42 -3.48 8.11
CA ALA A 139 11.83 -2.15 8.32
C ALA A 139 11.15 -2.10 9.66
N VAL A 140 11.07 -0.89 10.21
CA VAL A 140 10.27 -0.65 11.41
C VAL A 140 8.84 -0.44 10.88
N ILE A 141 7.86 -1.09 11.50
CA ILE A 141 6.44 -0.93 11.15
C ILE A 141 5.89 0.03 12.21
N MET A 142 5.55 1.26 11.81
CA MET A 142 5.04 2.26 12.77
C MET A 142 3.65 2.70 12.39
N ARG A 143 2.77 2.92 13.37
CA ARG A 143 1.40 3.32 13.06
C ARG A 143 0.97 4.53 13.85
N ILE A 144 0.17 5.38 13.20
CA ILE A 144 -0.41 6.57 13.85
C ILE A 144 -1.92 6.46 13.67
N ARG A 145 -2.68 7.16 14.53
CA ARG A 145 -4.13 7.10 14.49
C ARG A 145 -4.77 8.10 13.54
N GLU A 146 -4.14 9.25 13.30
CA GLU A 146 -4.80 10.25 12.46
C GLU A 146 -3.86 10.99 11.52
N PRO A 147 -3.98 10.79 10.18
CA PRO A 147 -4.82 9.81 9.46
C PRO A 147 -4.37 8.41 9.78
N LYS A 148 -5.30 7.44 9.96
CA LYS A 148 -4.98 6.04 10.27
C LYS A 148 -4.18 5.42 9.13
N THR A 149 -2.90 5.16 9.41
CA THR A 149 -1.91 4.71 8.43
C THR A 149 -0.87 3.81 9.07
N THR A 150 -0.01 3.26 8.23
CA THR A 150 1.17 2.51 8.61
C THR A 150 2.34 3.01 7.81
N ALA A 151 3.49 3.22 8.46
CA ALA A 151 4.76 3.52 7.78
C ALA A 151 5.69 2.35 7.91
N LEU A 152 6.44 2.07 6.83
CA LEU A 152 7.53 1.09 6.76
C LEU A 152 8.77 1.94 6.70
N ILE A 153 9.54 1.96 7.79
CA ILE A 153 10.71 2.84 7.94
C ILE A 153 12.01 2.03 7.83
N PHE A 154 12.86 2.39 6.85
CA PHE A 154 14.07 1.66 6.51
C PHE A 154 15.34 2.34 7.06
N ALA A 155 16.42 1.54 7.28
CA ALA A 155 17.70 1.99 7.84
C ALA A 155 18.35 3.14 7.03
N SER A 156 18.08 3.20 5.70
CA SER A 156 18.56 4.24 4.82
C SER A 156 17.84 5.56 5.02
N GLY A 157 16.73 5.56 5.76
CA GLY A 157 15.94 6.78 5.94
C GLY A 157 14.79 6.85 4.94
N LYS A 158 14.72 5.88 4.02
CA LYS A 158 13.58 5.79 3.10
C LYS A 158 12.36 5.28 3.89
N MET A 159 11.20 5.80 3.58
CA MET A 159 9.98 5.41 4.26
C MET A 159 8.88 5.18 3.22
N VAL A 160 7.98 4.25 3.51
CA VAL A 160 6.81 3.96 2.68
C VAL A 160 5.63 4.15 3.60
N VAL A 161 4.64 4.94 3.18
CA VAL A 161 3.46 5.19 4.00
C VAL A 161 2.23 4.65 3.25
N THR A 162 1.41 3.88 3.96
CA THR A 162 0.22 3.29 3.35
C THR A 162 -1.00 3.46 4.27
N GLY A 163 -2.18 3.16 3.73
CA GLY A 163 -3.41 3.21 4.48
C GLY A 163 -4.24 4.46 4.29
N ALA A 164 -3.65 5.54 3.76
CA ALA A 164 -4.39 6.80 3.54
C ALA A 164 -5.42 6.66 2.40
N LYS A 165 -6.55 7.44 2.47
CA LYS A 165 -7.65 7.41 1.47
C LYS A 165 -7.67 8.68 0.60
N SER A 166 -6.77 9.62 0.84
CA SER A 166 -6.63 10.85 0.06
C SER A 166 -5.16 11.22 0.01
N GLU A 167 -4.77 11.98 -1.02
CA GLU A 167 -3.40 12.48 -1.24
C GLU A 167 -2.98 13.40 -0.08
N ASP A 168 -3.91 14.27 0.37
CA ASP A 168 -3.63 15.17 1.49
C ASP A 168 -3.41 14.35 2.79
N ASP A 169 -4.23 13.32 3.05
CA ASP A 169 -4.04 12.47 4.25
C ASP A 169 -2.70 11.73 4.23
N SER A 170 -2.31 11.24 3.03
CA SER A 170 -1.05 10.54 2.80
C SER A 170 0.12 11.49 3.14
N LYS A 171 0.03 12.73 2.67
CA LYS A 171 1.06 13.75 2.92
C LYS A 171 1.07 14.13 4.40
N LEU A 172 -0.10 14.31 4.99
CA LEU A 172 -0.23 14.67 6.42
C LEU A 172 0.39 13.59 7.30
N ALA A 173 0.05 12.31 7.08
CA ALA A 173 0.56 11.17 7.85
C ALA A 173 2.08 11.06 7.73
N SER A 174 2.61 11.18 6.50
CA SER A 174 4.05 11.14 6.19
C SER A 174 4.83 12.21 6.96
N ARG A 175 4.27 13.43 7.06
CA ARG A 175 4.87 14.55 7.79
C ARG A 175 4.88 14.27 9.29
N LYS A 176 3.90 13.51 9.78
CA LYS A 176 3.82 13.12 11.19
C LYS A 176 4.85 12.04 11.48
N TYR A 177 5.02 11.06 10.56
CA TYR A 177 6.05 10.02 10.78
C TYR A 177 7.43 10.64 10.80
N ALA A 178 7.67 11.65 9.93
CA ALA A 178 8.95 12.35 9.83
C ALA A 178 9.23 13.11 11.13
N ARG A 179 8.20 13.71 11.72
CA ARG A 179 8.26 14.41 13.00
C ARG A 179 8.61 13.45 14.13
N ILE A 180 7.98 12.26 14.15
CA ILE A 180 8.23 11.24 15.19
C ILE A 180 9.71 10.85 15.21
N ILE A 181 10.31 10.62 14.01
CA ILE A 181 11.71 10.25 13.84
C ILE A 181 12.59 11.40 14.36
N GLN A 182 12.22 12.64 14.06
CA GLN A 182 12.92 13.84 14.56
C GLN A 182 12.89 13.88 16.10
N LYS A 183 11.72 13.63 16.71
CA LYS A 183 11.52 13.63 18.17
C LYS A 183 12.30 12.55 18.88
N ILE A 184 12.47 11.36 18.23
CA ILE A 184 13.26 10.25 18.79
C ILE A 184 14.76 10.70 18.83
N GLY A 185 15.16 11.53 17.89
CA GLY A 185 16.50 12.10 17.89
C GLY A 185 17.31 11.98 16.62
N PHE A 186 16.67 11.61 15.51
CA PHE A 186 17.41 11.50 14.25
C PHE A 186 17.17 12.76 13.45
N ALA A 187 18.21 13.23 12.72
CA ALA A 187 18.16 14.46 11.92
C ALA A 187 17.35 14.22 10.63
N ALA A 188 16.07 13.81 10.81
CA ALA A 188 15.15 13.51 9.71
C ALA A 188 14.56 14.78 9.13
N LYS A 189 14.25 14.74 7.83
CA LYS A 189 13.63 15.82 7.08
C LYS A 189 12.53 15.27 6.19
N PHE A 190 11.43 16.00 6.01
CA PHE A 190 10.37 15.54 5.13
C PHE A 190 10.70 15.91 3.70
N THR A 191 11.28 14.99 2.93
CA THR A 191 11.63 15.34 1.54
C THR A 191 11.15 14.28 0.55
N ASP A 192 11.05 14.71 -0.75
CA ASP A 192 10.67 13.90 -1.90
C ASP A 192 9.42 13.06 -1.66
N PHE A 193 8.33 13.70 -1.20
CA PHE A 193 7.06 13.02 -1.02
C PHE A 193 6.56 12.65 -2.39
N LYS A 194 6.15 11.39 -2.58
CA LYS A 194 5.65 10.95 -3.88
C LYS A 194 4.63 9.85 -3.70
N ILE A 195 3.51 9.94 -4.42
CA ILE A 195 2.48 8.91 -4.41
C ILE A 195 2.96 7.86 -5.43
N GLN A 196 3.13 6.62 -4.96
CA GLN A 196 3.63 5.53 -5.80
C GLN A 196 2.48 4.68 -6.35
N ASN A 197 1.36 4.60 -5.61
CA ASN A 197 0.20 3.81 -6.04
C ASN A 197 -1.11 4.29 -5.42
N ILE A 198 -2.18 4.23 -6.21
CA ILE A 198 -3.54 4.55 -5.76
C ILE A 198 -4.39 3.37 -6.17
N VAL A 199 -5.08 2.79 -5.19
CA VAL A 199 -5.99 1.69 -5.43
C VAL A 199 -7.41 2.23 -5.42
N GLY A 200 -8.15 1.87 -6.45
CA GLY A 200 -9.55 2.21 -6.63
C GLY A 200 -10.44 0.98 -6.58
N SER A 201 -11.67 1.16 -6.14
CA SER A 201 -12.63 0.07 -6.14
C SER A 201 -13.94 0.61 -6.66
N CYS A 202 -14.67 -0.24 -7.34
CA CYS A 202 -15.93 0.10 -7.97
C CYS A 202 -16.86 -1.09 -8.00
N ASP A 203 -18.17 -0.82 -7.87
CA ASP A 203 -19.20 -1.85 -7.99
C ASP A 203 -20.18 -1.41 -9.08
N VAL A 204 -20.22 -2.14 -10.22
CA VAL A 204 -21.09 -1.76 -11.34
C VAL A 204 -22.54 -2.24 -11.14
N LYS A 205 -22.78 -3.02 -10.07
CA LYS A 205 -24.08 -3.54 -9.62
C LYS A 205 -24.77 -4.43 -10.66
N PHE A 206 -23.99 -5.23 -11.40
CA PHE A 206 -24.50 -6.22 -12.34
C PHE A 206 -23.43 -7.31 -12.54
N PRO A 207 -23.83 -8.59 -12.69
CA PRO A 207 -22.81 -9.65 -12.88
C PRO A 207 -22.13 -9.58 -14.26
N ILE A 208 -20.91 -10.15 -14.37
CA ILE A 208 -20.13 -10.07 -15.62
C ILE A 208 -19.83 -11.45 -16.19
N ARG A 209 -19.99 -11.60 -17.51
CA ARG A 209 -19.65 -12.82 -18.24
C ARG A 209 -18.15 -12.81 -18.48
N LEU A 210 -17.41 -13.39 -17.54
CA LEU A 210 -15.93 -13.36 -17.58
C LEU A 210 -15.33 -14.21 -18.70
N GLU A 211 -15.95 -15.36 -19.05
CA GLU A 211 -15.43 -16.21 -20.15
C GLU A 211 -15.38 -15.44 -21.48
N GLY A 212 -16.49 -14.81 -21.84
CA GLY A 212 -16.56 -14.03 -23.07
C GLY A 212 -15.66 -12.81 -23.05
N LEU A 213 -15.58 -12.13 -21.90
CA LEU A 213 -14.71 -10.95 -21.76
C LEU A 213 -13.23 -11.40 -21.94
N ALA A 214 -12.80 -12.50 -21.28
CA ALA A 214 -11.45 -13.07 -21.40
C ALA A 214 -11.12 -13.46 -22.86
N PHE A 215 -12.08 -14.11 -23.53
CA PHE A 215 -11.92 -14.53 -24.93
C PHE A 215 -11.83 -13.31 -25.86
N SER A 216 -12.80 -12.40 -25.74
CA SER A 216 -12.89 -11.20 -26.60
C SER A 216 -11.68 -10.26 -26.48
N HIS A 217 -11.20 -10.02 -25.26
CA HIS A 217 -10.09 -9.11 -24.97
C HIS A 217 -8.86 -9.91 -24.57
N GLY A 218 -8.61 -10.98 -25.33
CA GLY A 218 -7.56 -11.96 -25.13
C GLY A 218 -6.17 -11.43 -24.85
N THR A 219 -5.74 -10.47 -25.66
CA THR A 219 -4.39 -9.89 -25.56
C THR A 219 -4.19 -9.10 -24.25
N PHE A 220 -5.25 -8.44 -23.71
CA PHE A 220 -5.13 -7.62 -22.50
C PHE A 220 -5.60 -8.30 -21.23
N SER A 221 -6.23 -9.48 -21.34
N SER A 221 -6.32 -9.41 -21.35
CA SER A 221 -6.77 -10.21 -20.20
CA SER A 221 -6.90 -10.08 -20.19
C SER A 221 -6.02 -11.50 -19.86
C SER A 221 -6.29 -11.45 -19.92
N SER A 222 -6.17 -11.95 -18.61
N SER A 222 -6.23 -11.80 -18.63
CA SER A 222 -5.67 -13.21 -18.06
CA SER A 222 -5.81 -13.09 -18.12
C SER A 222 -6.74 -13.72 -17.11
C SER A 222 -6.91 -13.61 -17.25
N TYR A 223 -7.30 -14.89 -17.42
CA TYR A 223 -8.37 -15.45 -16.61
C TYR A 223 -8.17 -16.91 -16.39
N GLU A 224 -7.83 -17.27 -15.15
CA GLU A 224 -7.62 -18.65 -14.74
C GLU A 224 -8.44 -18.85 -13.47
N PRO A 225 -9.77 -19.01 -13.63
CA PRO A 225 -10.68 -19.07 -12.47
C PRO A 225 -10.36 -20.15 -11.42
N GLU A 226 -9.66 -21.24 -11.79
CA GLU A 226 -9.35 -22.28 -10.79
C GLU A 226 -8.12 -21.87 -9.94
N LEU A 227 -7.35 -20.85 -10.40
CA LEU A 227 -6.16 -20.29 -9.75
C LEU A 227 -6.46 -18.99 -8.99
N PHE A 228 -7.24 -18.07 -9.60
CA PHE A 228 -7.62 -16.78 -9.02
C PHE A 228 -9.04 -16.39 -9.54
N PRO A 229 -9.99 -15.97 -8.65
CA PRO A 229 -11.37 -15.71 -9.13
C PRO A 229 -11.55 -14.54 -10.09
N GLY A 230 -10.66 -13.57 -10.05
CA GLY A 230 -10.86 -12.39 -10.91
C GLY A 230 -10.20 -12.47 -12.26
N LEU A 231 -10.76 -11.74 -13.21
CA LEU A 231 -10.16 -11.57 -14.52
C LEU A 231 -9.15 -10.42 -14.36
N ILE A 232 -7.92 -10.61 -14.82
CA ILE A 232 -6.88 -9.57 -14.70
C ILE A 232 -6.79 -8.86 -16.04
N TYR A 233 -7.14 -7.59 -16.06
CA TYR A 233 -7.16 -6.80 -17.27
C TYR A 233 -6.02 -5.79 -17.20
N ARG A 234 -5.03 -5.93 -18.11
N ARG A 234 -5.03 -5.92 -18.10
CA ARG A 234 -3.87 -5.04 -18.16
CA ARG A 234 -3.89 -5.01 -18.12
C ARG A 234 -4.09 -3.97 -19.25
C ARG A 234 -4.08 -3.97 -19.23
N MET A 235 -4.60 -2.80 -18.83
CA MET A 235 -4.88 -1.68 -19.71
C MET A 235 -3.57 -1.00 -20.09
N VAL A 236 -3.48 -0.59 -21.36
CA VAL A 236 -2.30 0.05 -21.94
C VAL A 236 -2.32 1.56 -21.61
N LYS A 237 -3.41 2.23 -21.95
CA LYS A 237 -3.51 3.66 -21.71
C LYS A 237 -4.84 3.98 -21.03
N PRO A 238 -4.83 4.43 -19.77
CA PRO A 238 -3.66 4.57 -18.85
C PRO A 238 -3.14 3.17 -18.47
N LYS A 239 -1.91 3.08 -17.96
CA LYS A 239 -1.25 1.83 -17.60
C LYS A 239 -1.76 1.37 -16.23
N ILE A 240 -2.92 0.73 -16.24
CA ILE A 240 -3.65 0.32 -15.04
C ILE A 240 -4.05 -1.14 -15.12
N VAL A 241 -3.93 -1.83 -13.99
CA VAL A 241 -4.35 -3.20 -13.82
C VAL A 241 -5.72 -3.21 -13.16
N LEU A 242 -6.68 -3.84 -13.82
CA LEU A 242 -8.03 -4.00 -13.29
C LEU A 242 -8.28 -5.45 -12.94
N LEU A 243 -8.83 -5.69 -11.74
N LEU A 243 -8.82 -5.70 -11.74
CA LEU A 243 -9.24 -7.00 -11.25
CA LEU A 243 -9.24 -7.02 -11.30
C LEU A 243 -10.76 -7.03 -11.36
C LEU A 243 -10.76 -7.01 -11.39
N ILE A 244 -11.29 -7.77 -12.34
CA ILE A 244 -12.73 -7.79 -12.64
C ILE A 244 -13.33 -9.07 -12.13
N PHE A 245 -14.24 -8.92 -11.18
CA PHE A 245 -14.90 -10.05 -10.56
C PHE A 245 -16.30 -10.26 -11.13
N VAL A 246 -16.78 -11.52 -11.03
N VAL A 246 -16.78 -11.51 -11.06
CA VAL A 246 -18.08 -12.02 -11.50
CA VAL A 246 -18.09 -11.94 -11.60
C VAL A 246 -19.22 -11.12 -10.99
C VAL A 246 -19.25 -11.13 -10.99
N SER A 247 -19.13 -10.67 -9.73
CA SER A 247 -20.18 -9.86 -9.05
C SER A 247 -20.34 -8.44 -9.63
N GLY A 248 -19.37 -7.99 -10.44
CA GLY A 248 -19.34 -6.63 -10.97
C GLY A 248 -18.47 -5.70 -10.13
N LYS A 249 -17.83 -6.25 -9.07
CA LYS A 249 -16.89 -5.52 -8.25
C LYS A 249 -15.56 -5.43 -9.00
N ILE A 250 -15.04 -4.21 -9.10
CA ILE A 250 -13.78 -3.93 -9.82
C ILE A 250 -12.77 -3.34 -8.85
N VAL A 251 -11.49 -3.73 -9.01
CA VAL A 251 -10.35 -3.19 -8.26
C VAL A 251 -9.42 -2.62 -9.31
N LEU A 252 -8.95 -1.38 -9.12
CA LEU A 252 -8.07 -0.71 -10.08
C LEU A 252 -6.80 -0.35 -9.37
N THR A 253 -5.64 -0.68 -9.93
CA THR A 253 -4.35 -0.43 -9.27
C THR A 253 -3.29 -0.01 -10.29
N GLY A 254 -2.26 0.66 -9.78
CA GLY A 254 -1.13 1.12 -10.57
C GLY A 254 -1.13 2.61 -10.85
N ALA A 255 -2.20 3.32 -10.43
CA ALA A 255 -2.26 4.77 -10.69
C ALA A 255 -1.34 5.56 -9.77
N LYS A 256 -0.71 6.62 -10.29
CA LYS A 256 0.09 7.53 -9.45
C LYS A 256 -0.67 8.84 -9.30
N GLN A 257 -1.75 9.00 -10.10
CA GLN A 257 -2.64 10.15 -10.08
C GLN A 257 -4.05 9.63 -10.08
N ARG A 258 -4.95 10.20 -9.26
CA ARG A 258 -6.33 9.70 -9.17
C ARG A 258 -7.08 9.77 -10.52
N GLU A 259 -6.73 10.73 -11.40
CA GLU A 259 -7.36 10.86 -12.73
C GLU A 259 -7.22 9.58 -13.56
N GLU A 260 -6.10 8.86 -13.39
CA GLU A 260 -5.86 7.55 -14.06
C GLU A 260 -6.89 6.49 -13.64
N ILE A 261 -7.36 6.52 -12.38
CA ILE A 261 -8.39 5.57 -11.90
C ILE A 261 -9.71 5.83 -12.63
N TYR A 262 -10.09 7.11 -12.73
CA TYR A 262 -11.32 7.54 -13.40
C TYR A 262 -11.27 7.20 -14.89
N GLN A 263 -10.13 7.48 -15.56
CA GLN A 263 -9.91 7.19 -16.98
C GLN A 263 -10.02 5.71 -17.25
N ALA A 264 -9.37 4.88 -16.41
CA ALA A 264 -9.40 3.42 -16.61
C ALA A 264 -10.80 2.88 -16.44
N PHE A 265 -11.52 3.39 -15.41
CA PHE A 265 -12.89 2.95 -15.20
C PHE A 265 -13.79 3.35 -16.40
N GLU A 266 -13.69 4.61 -16.86
CA GLU A 266 -14.46 5.12 -18.01
C GLU A 266 -14.20 4.31 -19.28
N ALA A 267 -12.94 3.87 -19.48
CA ALA A 267 -12.53 3.06 -20.61
C ALA A 267 -13.11 1.65 -20.52
N ILE A 268 -13.07 1.04 -19.32
CA ILE A 268 -13.58 -0.33 -19.15
C ILE A 268 -15.10 -0.40 -19.04
N TYR A 269 -15.80 0.68 -18.59
CA TYR A 269 -17.23 0.59 -18.37
C TYR A 269 -18.01 0.04 -19.60
N PRO A 270 -17.81 0.52 -20.87
CA PRO A 270 -18.57 -0.05 -21.99
C PRO A 270 -18.29 -1.54 -22.20
N VAL A 271 -17.05 -2.00 -21.88
CA VAL A 271 -16.68 -3.43 -22.01
C VAL A 271 -17.50 -4.23 -20.98
N LEU A 272 -17.52 -3.78 -19.71
CA LEU A 272 -18.30 -4.43 -18.65
C LEU A 272 -19.80 -4.50 -19.01
N SER A 273 -20.36 -3.40 -19.56
CA SER A 273 -21.76 -3.34 -20.01
C SER A 273 -22.00 -4.33 -21.14
N GLU A 274 -21.06 -4.44 -22.09
CA GLU A 274 -21.22 -5.38 -23.21
C GLU A 274 -21.27 -6.83 -22.68
N PHE A 275 -20.50 -7.12 -21.61
CA PHE A 275 -20.44 -8.46 -21.02
C PHE A 275 -21.32 -8.61 -19.78
N ARG A 276 -22.35 -7.76 -19.65
CA ARG A 276 -23.30 -7.89 -18.54
C ARG A 276 -24.04 -9.21 -18.71
N LYS A 277 -24.21 -9.95 -17.61
CA LYS A 277 -24.90 -11.23 -17.61
C LYS A 277 -26.38 -10.96 -17.33
N MET A 278 -27.23 -11.14 -18.38
CA MET A 278 -28.66 -10.85 -18.32
C MET A 278 -29.45 -12.06 -17.86
#